data_7FOL
#
_entry.id   7FOL
#
_cell.length_a   88.589
_cell.length_b   81.881
_cell.length_c   93.446
_cell.angle_alpha   90
_cell.angle_beta   108.46
_cell.angle_gamma   90
#
_symmetry.space_group_name_H-M   'C 1 2 1'
#
loop_
_entity.id
_entity.type
_entity.pdbx_description
1 polymer 'Pre-mRNA-splicing factor 8'
2 polymer 'A1 cistron-splicing factor AAR2'
3 non-polymer N-[(thiophen-2-yl)methyl]butanamide
4 water water
#
loop_
_entity_poly.entity_id
_entity_poly.type
_entity_poly.pdbx_seq_one_letter_code
_entity_poly.pdbx_strand_id
1 'polypeptide(L)'
;GAMNSSNYAELFNNDIKLFVDDTNVYRVTVHKTFEGNVATKAINGCIFTLNPKTGHLFLKIIHTSVWAGQKRLSQLAKWK
TAEEVSALVRSLPKEEQPKQIIVTRKAMLDPLEVHMLDFPNIAIRPTELRLPFSAAMSIDKLSDVVMKATEPQMVLFNIY
DDWLDRISSYTAFSRLTLLLRALKTNEESAKMILLSDPTITIKSYHLWPSFTDEQWITIESQMRDLILTEYGRKYNVNIS
ALTQTEIKDIILGQNIKA
;
A
2 'polypeptide(L)'
;GAMAMNTVPFTSAPIEVTIGIDQYSFNVKENQPFHGIKDIPIGHVHVIHFQHADNSSMRYGYWFDCRMGNFYIQYDPKDG
LYKMMEERDGAKFENIVHNFKERQMMVSYPKIDEDDTWYNLTEFVQMDKIRKIVRKDENQFSYVDSSMTTVQENELSSSS
SDPAHSLNYTVINFKSREAIRPGHEMEDFLDKSYYLNTVMLQGIFKNSSNYFGELQFAFLNAMFFGNYGSSLQWHAMIEL
ICSSATVPKHMLDKLDEILYYQIKTLPEQYSDILLNERVWNICLYSSFQKNSLHNTEKIMENKYPELL
;
B
#
loop_
_chem_comp.id
_chem_comp.type
_chem_comp.name
_chem_comp.formula
W6R non-polymer N-[(thiophen-2-yl)methyl]butanamide 'C9 H13 N O S'
#
# COMPACT_ATOMS: atom_id res chain seq x y z
N GLY A 1 -10.24 0.79 -13.17
CA GLY A 1 -8.82 0.73 -13.50
C GLY A 1 -8.35 1.96 -14.27
N ALA A 2 -7.37 1.77 -15.15
CA ALA A 2 -6.75 2.89 -15.83
C ALA A 2 -7.56 3.31 -17.05
N MET A 3 -7.46 4.60 -17.36
CA MET A 3 -8.19 5.20 -18.47
C MET A 3 -7.27 5.25 -19.68
N ASN A 4 -7.74 4.80 -20.84
CA ASN A 4 -6.86 4.63 -21.99
C ASN A 4 -7.69 4.72 -23.27
N SER A 5 -7.05 4.38 -24.41
CA SER A 5 -7.73 4.43 -25.70
C SER A 5 -9.00 3.60 -25.71
N SER A 6 -8.96 2.43 -25.06
CA SER A 6 -10.03 1.45 -25.21
C SER A 6 -11.31 1.91 -24.54
N ASN A 7 -11.23 2.65 -23.44
CA ASN A 7 -12.41 3.10 -22.71
C ASN A 7 -12.59 4.61 -22.80
N TYR A 8 -12.31 5.18 -23.97
CA TYR A 8 -12.31 6.63 -24.15
C TYR A 8 -13.72 7.21 -24.13
N ALA A 9 -14.72 6.47 -24.61
CA ALA A 9 -16.07 7.00 -24.61
C ALA A 9 -16.65 7.17 -23.20
N GLU A 10 -16.05 6.53 -22.20
CA GLU A 10 -16.56 6.66 -20.84
C GLU A 10 -16.49 8.10 -20.35
N LEU A 11 -15.57 8.88 -20.92
CA LEU A 11 -15.44 10.29 -20.53
C LEU A 11 -16.71 11.07 -20.79
N PHE A 12 -17.51 10.67 -21.77
CA PHE A 12 -18.63 11.49 -22.19
C PHE A 12 -19.98 10.88 -21.83
N ASN A 13 -19.98 9.90 -20.93
CA ASN A 13 -21.23 9.37 -20.42
C ASN A 13 -21.71 10.27 -19.30
N ASN A 14 -22.76 9.81 -18.61
CA ASN A 14 -23.51 10.65 -17.69
C ASN A 14 -23.11 10.48 -16.23
N ASP A 15 -22.02 9.75 -15.94
CA ASP A 15 -21.44 9.70 -14.60
C ASP A 15 -20.48 10.88 -14.48
N ILE A 16 -20.68 11.72 -13.47
CA ILE A 16 -19.83 12.90 -13.33
C ILE A 16 -18.39 12.46 -13.08
N LYS A 17 -17.45 13.07 -13.81
CA LYS A 17 -16.05 12.81 -13.59
C LYS A 17 -15.22 14.07 -13.82
N LEU A 18 -14.07 14.10 -13.17
CA LEU A 18 -13.14 15.21 -13.32
C LEU A 18 -11.75 14.67 -13.64
N PHE A 19 -11.06 15.31 -14.60
CA PHE A 19 -9.60 15.19 -14.72
C PHE A 19 -8.95 16.18 -13.77
N VAL A 20 -7.85 15.78 -13.17
CA VAL A 20 -7.00 16.68 -12.38
C VAL A 20 -5.61 16.63 -12.97
N ASP A 21 -5.07 17.79 -13.36
CA ASP A 21 -3.69 17.88 -13.83
C ASP A 21 -2.94 18.82 -12.91
N ASP A 22 -1.83 18.34 -12.38
CA ASP A 22 -1.01 19.09 -11.43
C ASP A 22 0.28 19.62 -12.02
N THR A 23 0.43 19.55 -13.34
N THR A 23 0.45 19.58 -13.34
CA THR A 23 1.69 19.91 -13.94
CA THR A 23 1.77 19.90 -13.92
C THR A 23 2.08 21.31 -13.54
C THR A 23 2.10 21.39 -13.88
N ASN A 24 1.13 22.24 -13.61
CA ASN A 24 1.40 23.66 -13.48
C ASN A 24 1.18 24.18 -12.06
N VAL A 25 1.20 23.31 -11.07
CA VAL A 25 0.97 23.78 -9.70
C VAL A 25 2.21 24.46 -9.14
N TYR A 26 3.35 23.80 -9.25
CA TYR A 26 4.64 24.29 -8.75
C TYR A 26 5.46 24.65 -9.99
N ARG A 27 5.67 25.95 -10.18
CA ARG A 27 6.36 26.48 -11.35
C ARG A 27 7.48 27.37 -10.85
N VAL A 28 8.68 27.20 -11.42
CA VAL A 28 9.84 27.99 -11.01
C VAL A 28 10.59 28.51 -12.24
N THR A 29 11.32 29.58 -12.04
CA THR A 29 12.42 29.97 -12.92
C THR A 29 13.71 29.63 -12.20
N VAL A 30 14.67 29.06 -12.92
CA VAL A 30 15.98 28.70 -12.37
C VAL A 30 16.96 29.78 -12.76
N HIS A 31 17.75 30.28 -11.81
CA HIS A 31 18.63 31.41 -12.09
C HIS A 31 19.91 31.30 -11.29
N LYS A 32 20.90 32.12 -11.68
CA LYS A 32 22.16 32.20 -10.94
C LYS A 32 22.06 33.18 -9.77
N THR A 33 22.79 32.87 -8.70
CA THR A 33 22.94 33.78 -7.57
C THR A 33 24.20 34.63 -7.75
N PHE A 34 24.27 35.72 -6.98
CA PHE A 34 25.44 36.58 -7.04
C PHE A 34 26.72 35.78 -6.88
N GLU A 35 26.70 34.75 -6.03
CA GLU A 35 27.85 33.91 -5.78
C GLU A 35 28.11 32.91 -6.88
N GLY A 36 27.26 32.88 -7.92
CA GLY A 36 27.40 31.91 -8.98
C GLY A 36 26.79 30.55 -8.70
N ASN A 37 25.95 30.42 -7.68
CA ASN A 37 25.21 29.19 -7.44
C ASN A 37 23.90 29.30 -8.20
N VAL A 38 23.07 28.26 -8.12
CA VAL A 38 21.77 28.28 -8.80
C VAL A 38 20.69 28.29 -7.74
N ALA A 39 19.62 29.02 -8.01
CA ALA A 39 18.46 29.06 -7.15
C ALA A 39 17.20 29.10 -8.01
N THR A 40 16.08 28.77 -7.38
CA THR A 40 14.78 28.85 -8.03
C THR A 40 13.99 30.02 -7.46
N LYS A 41 13.13 30.59 -8.31
CA LYS A 41 12.14 31.54 -7.86
C LYS A 41 10.79 31.01 -8.32
N ALA A 42 9.89 30.79 -7.39
CA ALA A 42 8.56 30.30 -7.75
C ALA A 42 7.74 31.40 -8.38
N ILE A 43 6.85 31.00 -9.29
CA ILE A 43 5.85 31.88 -9.86
C ILE A 43 4.48 31.23 -9.66
N ASN A 44 3.42 32.01 -9.85
CA ASN A 44 2.09 31.51 -9.54
C ASN A 44 1.79 30.30 -10.42
N GLY A 45 1.06 29.36 -9.85
CA GLY A 45 0.63 28.19 -10.59
C GLY A 45 -0.86 27.95 -10.51
N CYS A 46 -1.27 26.75 -10.97
CA CYS A 46 -2.71 26.47 -10.99
C CYS A 46 -2.91 24.97 -11.03
N ILE A 47 -3.99 24.54 -10.40
CA ILE A 47 -4.55 23.20 -10.59
C ILE A 47 -5.57 23.27 -11.71
N PHE A 48 -5.51 22.29 -12.63
CA PHE A 48 -6.38 22.24 -13.80
C PHE A 48 -7.32 21.07 -13.53
N THR A 49 -8.57 21.38 -13.17
CA THR A 49 -9.57 20.37 -12.81
C THR A 49 -10.73 20.55 -13.79
N LEU A 50 -10.98 19.53 -14.62
CA LEU A 50 -11.83 19.70 -15.78
C LEU A 50 -12.89 18.60 -15.83
N ASN A 51 -14.16 18.98 -15.99
CA ASN A 51 -15.24 18.04 -16.38
C ASN A 51 -15.22 17.90 -17.89
N PRO A 52 -14.85 16.71 -18.43
CA PRO A 52 -14.72 16.59 -19.89
C PRO A 52 -16.05 16.53 -20.59
N LYS A 53 -17.12 16.24 -19.87
CA LYS A 53 -18.44 16.22 -20.49
C LYS A 53 -19.04 17.61 -20.65
N THR A 54 -18.86 18.51 -19.66
CA THR A 54 -19.51 19.81 -19.70
C THR A 54 -18.56 20.93 -20.08
N GLY A 55 -17.25 20.70 -19.99
CA GLY A 55 -16.29 21.77 -20.21
C GLY A 55 -16.02 22.62 -19.00
N HIS A 56 -16.65 22.32 -17.88
CA HIS A 56 -16.46 23.10 -16.62
C HIS A 56 -15.02 22.97 -16.10
N LEU A 57 -14.23 24.03 -16.12
CA LEU A 57 -12.85 24.03 -15.60
C LEU A 57 -12.82 24.78 -14.26
N PHE A 58 -12.46 24.11 -13.17
CA PHE A 58 -12.26 24.73 -11.85
C PHE A 58 -10.76 25.03 -11.75
N LEU A 59 -10.34 26.26 -12.06
CA LEU A 59 -8.93 26.65 -12.09
C LEU A 59 -8.56 27.25 -10.75
N LYS A 60 -7.92 26.45 -9.91
CA LYS A 60 -7.48 26.91 -8.59
C LYS A 60 -6.09 27.48 -8.77
N ILE A 61 -5.98 28.78 -8.53
CA ILE A 61 -4.71 29.47 -8.65
C ILE A 61 -3.93 29.26 -7.37
N ILE A 62 -2.66 28.87 -7.52
CA ILE A 62 -1.74 28.53 -6.44
C ILE A 62 -0.79 29.71 -6.36
N HIS A 63 -0.93 30.52 -5.32
CA HIS A 63 -0.11 31.70 -5.18
C HIS A 63 1.22 31.32 -4.55
N THR A 64 2.29 32.02 -4.95
CA THR A 64 3.61 31.64 -4.49
C THR A 64 3.76 31.69 -2.98
N SER A 65 2.89 32.43 -2.29
CA SER A 65 2.94 32.46 -0.82
C SER A 65 2.70 31.09 -0.20
N VAL A 66 2.04 30.16 -0.90
N VAL A 66 2.03 30.17 -0.91
CA VAL A 66 1.81 28.86 -0.28
CA VAL A 66 1.81 28.82 -0.42
C VAL A 66 3.12 28.08 -0.10
C VAL A 66 3.13 28.13 -0.10
N TRP A 67 4.18 28.44 -0.84
CA TRP A 67 5.45 27.73 -0.73
C TRP A 67 6.37 28.31 0.33
N ALA A 68 6.02 29.45 0.89
CA ALA A 68 6.97 30.18 1.76
C ALA A 68 7.33 29.34 2.98
N GLY A 69 8.62 29.09 3.15
CA GLY A 69 9.10 28.39 4.32
C GLY A 69 8.91 26.90 4.28
N GLN A 70 8.45 26.38 3.16
CA GLN A 70 8.24 24.95 3.02
C GLN A 70 9.41 24.28 2.32
N LYS A 71 9.61 23.01 2.63
CA LYS A 71 10.65 22.17 2.05
C LYS A 71 10.01 21.16 1.10
N ARG A 72 10.87 20.54 0.28
CA ARG A 72 10.47 19.48 -0.67
C ARG A 72 9.21 19.87 -1.44
N LEU A 73 9.31 21.00 -2.15
CA LEU A 73 8.14 21.63 -2.73
C LEU A 73 7.49 20.74 -3.81
N SER A 74 8.28 20.03 -4.61
CA SER A 74 7.65 19.18 -5.62
C SER A 74 6.78 18.11 -4.97
N GLN A 75 7.19 17.58 -3.83
CA GLN A 75 6.34 16.64 -3.10
C GLN A 75 5.14 17.35 -2.49
N LEU A 76 5.36 18.50 -1.87
CA LEU A 76 4.25 19.23 -1.26
C LEU A 76 3.20 19.58 -2.30
N ALA A 77 3.64 19.95 -3.50
CA ALA A 77 2.72 20.37 -4.55
C ALA A 77 1.69 19.29 -4.85
N LYS A 78 2.07 18.02 -4.77
CA LYS A 78 1.10 16.94 -5.00
C LYS A 78 0.07 16.89 -3.88
N TRP A 79 0.50 17.05 -2.64
CA TRP A 79 -0.42 17.00 -1.52
C TRP A 79 -1.31 18.23 -1.45
N LYS A 80 -0.76 19.43 -1.76
CA LYS A 80 -1.58 20.63 -1.88
C LYS A 80 -2.65 20.49 -2.97
N THR A 81 -2.26 19.96 -4.13
CA THR A 81 -3.22 19.65 -5.17
C THR A 81 -4.35 18.78 -4.63
N ALA A 82 -3.99 17.66 -3.98
CA ALA A 82 -4.99 16.77 -3.42
C ALA A 82 -5.83 17.46 -2.35
N GLU A 83 -5.23 18.32 -1.52
CA GLU A 83 -6.04 19.07 -0.55
C GLU A 83 -7.08 19.96 -1.25
N GLU A 84 -6.66 20.72 -2.26
CA GLU A 84 -7.56 21.63 -2.95
C GLU A 84 -8.65 20.89 -3.72
N VAL A 85 -8.33 19.75 -4.34
CA VAL A 85 -9.35 18.97 -5.06
C VAL A 85 -10.38 18.43 -4.08
N SER A 86 -9.93 17.92 -2.93
N SER A 86 -9.91 17.92 -2.94
CA SER A 86 -10.88 17.44 -1.93
CA SER A 86 -10.81 17.44 -1.89
C SER A 86 -11.73 18.58 -1.37
C SER A 86 -11.70 18.56 -1.36
N ALA A 87 -11.12 19.74 -1.11
CA ALA A 87 -11.92 20.90 -0.70
C ALA A 87 -12.95 21.27 -1.76
N LEU A 88 -12.60 21.15 -3.04
CA LEU A 88 -13.56 21.48 -4.10
C LEU A 88 -14.71 20.49 -4.09
N VAL A 89 -14.39 19.20 -3.98
CA VAL A 89 -15.46 18.21 -3.93
C VAL A 89 -16.38 18.50 -2.75
N ARG A 90 -15.81 18.74 -1.58
CA ARG A 90 -16.66 18.98 -0.40
C ARG A 90 -17.53 20.21 -0.59
N SER A 91 -17.06 21.18 -1.39
CA SER A 91 -17.83 22.40 -1.61
C SER A 91 -18.99 22.20 -2.58
N LEU A 92 -18.99 21.10 -3.37
CA LEU A 92 -20.07 20.92 -4.33
C LEU A 92 -21.24 20.22 -3.65
N PRO A 93 -22.45 20.54 -4.10
CA PRO A 93 -23.63 19.76 -3.65
C PRO A 93 -23.45 18.29 -3.98
N LYS A 94 -24.03 17.44 -3.13
CA LYS A 94 -23.88 15.99 -3.30
C LYS A 94 -24.16 15.56 -4.73
N GLU A 95 -25.19 16.10 -5.36
CA GLU A 95 -25.54 15.65 -6.71
C GLU A 95 -24.60 16.18 -7.77
N GLU A 96 -23.67 17.07 -7.42
CA GLU A 96 -22.64 17.51 -8.35
C GLU A 96 -21.28 16.88 -8.08
N GLN A 97 -21.13 16.16 -7.01
CA GLN A 97 -19.83 15.58 -6.72
C GLN A 97 -19.51 14.49 -7.75
N PRO A 98 -18.24 14.35 -8.12
CA PRO A 98 -17.87 13.36 -9.13
C PRO A 98 -17.98 11.97 -8.56
N LYS A 99 -18.22 11.01 -9.45
N LYS A 99 -18.22 11.02 -9.47
CA LYS A 99 -18.11 9.61 -9.10
CA LYS A 99 -18.12 9.60 -9.13
C LYS A 99 -16.72 9.04 -9.37
C LYS A 99 -16.72 9.06 -9.36
N GLN A 100 -15.95 9.69 -10.25
CA GLN A 100 -14.55 9.38 -10.50
C GLN A 100 -13.71 10.65 -10.64
N ILE A 101 -12.46 10.56 -10.23
CA ILE A 101 -11.46 11.60 -10.49
C ILE A 101 -10.31 10.92 -11.20
N ILE A 102 -9.99 11.35 -12.42
CA ILE A 102 -8.87 10.81 -13.17
C ILE A 102 -7.66 11.76 -13.06
N VAL A 103 -6.54 11.27 -12.52
CA VAL A 103 -5.32 12.09 -12.40
C VAL A 103 -4.45 11.87 -13.63
N THR A 104 -3.88 12.93 -14.16
CA THR A 104 -3.09 12.80 -15.36
C THR A 104 -1.69 12.27 -15.07
N ARG A 105 -1.25 12.31 -13.81
CA ARG A 105 0.07 11.79 -13.41
C ARG A 105 -0.08 10.83 -12.24
N LYS A 106 0.57 9.65 -12.34
CA LYS A 106 0.35 8.60 -11.35
C LYS A 106 0.78 9.00 -9.96
N ALA A 107 1.68 9.97 -9.85
CA ALA A 107 2.14 10.36 -8.53
C ALA A 107 1.07 11.08 -7.72
N MET A 108 -0.04 11.47 -8.35
CA MET A 108 -1.17 12.06 -7.64
C MET A 108 -2.08 11.02 -7.00
N LEU A 109 -1.90 9.74 -7.32
CA LEU A 109 -2.86 8.74 -6.84
C LEU A 109 -2.89 8.67 -5.33
N ASP A 110 -1.72 8.46 -4.68
CA ASP A 110 -1.78 8.28 -3.24
C ASP A 110 -2.17 9.58 -2.53
N PRO A 111 -1.60 10.73 -2.89
CA PRO A 111 -2.04 11.96 -2.22
C PRO A 111 -3.54 12.18 -2.34
N LEU A 112 -4.12 11.95 -3.51
CA LEU A 112 -5.54 12.19 -3.66
C LEU A 112 -6.35 11.12 -2.92
N GLU A 113 -5.94 9.85 -3.03
CA GLU A 113 -6.64 8.81 -2.28
C GLU A 113 -6.71 9.12 -0.77
N VAL A 114 -5.60 9.57 -0.17
CA VAL A 114 -5.60 9.86 1.25
C VAL A 114 -6.49 11.05 1.58
N HIS A 115 -6.45 12.11 0.75
CA HIS A 115 -7.29 13.27 1.03
C HIS A 115 -8.76 12.99 0.81
N MET A 116 -9.09 11.95 0.07
CA MET A 116 -10.47 11.62 -0.22
C MET A 116 -10.97 10.43 0.58
N LEU A 117 -10.33 10.10 1.72
CA LEU A 117 -10.78 8.93 2.47
C LEU A 117 -12.25 9.06 2.89
N ASP A 118 -12.71 10.28 3.14
CA ASP A 118 -14.09 10.56 3.50
C ASP A 118 -15.06 10.25 2.36
N PHE A 119 -14.57 9.97 1.16
CA PHE A 119 -15.39 9.72 -0.03
C PHE A 119 -15.03 8.37 -0.61
N PRO A 120 -15.34 7.27 0.09
CA PRO A 120 -14.92 5.95 -0.39
C PRO A 120 -15.53 5.54 -1.70
N ASN A 121 -16.65 6.13 -2.05
CA ASN A 121 -17.34 5.79 -3.28
C ASN A 121 -16.86 6.59 -4.48
N ILE A 122 -15.91 7.51 -4.33
CA ILE A 122 -15.32 8.20 -5.47
C ILE A 122 -14.06 7.46 -5.91
N ALA A 123 -14.07 6.96 -7.14
CA ALA A 123 -12.94 6.23 -7.66
C ALA A 123 -11.85 7.20 -8.13
N ILE A 124 -10.62 6.95 -7.69
CA ILE A 124 -9.44 7.69 -8.11
C ILE A 124 -8.69 6.82 -9.10
N ARG A 125 -8.55 7.31 -10.33
CA ARG A 125 -8.05 6.52 -11.45
C ARG A 125 -6.85 7.20 -12.08
N PRO A 126 -5.85 6.42 -12.51
CA PRO A 126 -4.85 6.95 -13.43
C PRO A 126 -5.27 6.86 -14.88
N THR A 127 -4.42 7.36 -15.76
CA THR A 127 -4.66 7.21 -17.19
C THR A 127 -3.37 6.87 -17.90
N GLU A 128 -3.51 6.11 -19.00
N GLU A 128 -3.49 6.12 -19.01
CA GLU A 128 -2.40 5.79 -19.89
CA GLU A 128 -2.35 5.85 -19.86
C GLU A 128 -2.26 6.82 -21.02
C GLU A 128 -2.19 6.89 -20.95
N LEU A 129 -3.17 7.78 -21.12
CA LEU A 129 -3.09 8.81 -22.13
C LEU A 129 -2.05 9.85 -21.79
N ARG A 130 -1.51 10.47 -22.84
CA ARG A 130 -0.49 11.50 -22.74
C ARG A 130 -1.17 12.85 -22.98
N LEU A 131 -2.00 13.26 -22.03
CA LEU A 131 -2.90 14.37 -22.31
C LEU A 131 -2.16 15.69 -22.23
N PRO A 132 -2.53 16.67 -23.06
CA PRO A 132 -1.70 17.86 -23.18
C PRO A 132 -2.09 18.98 -22.22
N PHE A 133 -2.57 18.66 -21.02
CA PHE A 133 -3.15 19.71 -20.21
C PHE A 133 -2.11 20.66 -19.65
N SER A 134 -0.84 20.29 -19.66
CA SER A 134 0.20 21.23 -19.26
C SER A 134 0.15 22.52 -20.09
N ALA A 135 -0.30 22.42 -21.34
CA ALA A 135 -0.32 23.59 -22.21
C ALA A 135 -1.45 24.56 -21.86
N ALA A 136 -2.20 24.34 -20.78
CA ALA A 136 -3.25 25.28 -20.41
C ALA A 136 -2.72 26.69 -20.21
N MET A 137 -1.49 26.83 -19.71
CA MET A 137 -0.94 28.17 -19.53
C MET A 137 -0.48 28.77 -20.85
N SER A 138 -0.70 28.11 -21.98
CA SER A 138 -0.61 28.76 -23.27
C SER A 138 -1.92 29.37 -23.75
N ILE A 139 -3.00 29.21 -23.00
CA ILE A 139 -4.24 29.94 -23.24
C ILE A 139 -4.14 31.30 -22.56
N ASP A 140 -4.13 32.36 -23.36
CA ASP A 140 -3.75 33.68 -22.86
C ASP A 140 -4.57 34.10 -21.65
N LYS A 141 -5.89 33.91 -21.70
CA LYS A 141 -6.72 34.40 -20.60
C LYS A 141 -6.48 33.59 -19.31
N LEU A 142 -6.14 32.29 -19.43
CA LEU A 142 -5.83 31.52 -18.24
C LEU A 142 -4.48 31.93 -17.68
N SER A 143 -3.48 32.04 -18.54
CA SER A 143 -2.17 32.53 -18.09
C SER A 143 -2.31 33.88 -17.40
N ASP A 144 -3.14 34.78 -17.96
CA ASP A 144 -3.23 36.14 -17.43
C ASP A 144 -3.81 36.14 -16.04
N VAL A 145 -4.80 35.29 -15.76
CA VAL A 145 -5.43 35.36 -14.44
C VAL A 145 -4.52 34.72 -13.41
N VAL A 146 -3.76 33.69 -13.79
CA VAL A 146 -2.81 33.08 -12.86
C VAL A 146 -1.72 34.07 -12.51
N MET A 147 -1.14 34.73 -13.52
N MET A 147 -1.12 34.73 -13.51
N MET A 147 -1.12 34.72 -13.51
CA MET A 147 0.01 35.60 -13.34
CA MET A 147 0.02 35.61 -13.26
CA MET A 147 0.02 35.59 -13.19
C MET A 147 -0.34 36.90 -12.61
C MET A 147 -0.38 36.84 -12.45
C MET A 147 -0.40 36.83 -12.39
N LYS A 148 -1.61 37.32 -12.61
CA LYS A 148 -2.05 38.54 -11.91
C LYS A 148 -2.48 38.29 -10.48
N ALA A 149 -2.73 37.04 -10.10
CA ALA A 149 -3.26 36.77 -8.78
C ALA A 149 -2.29 37.24 -7.71
N THR A 150 -2.85 37.88 -6.70
CA THR A 150 -2.10 38.30 -5.52
C THR A 150 -2.47 37.50 -4.28
N GLU A 151 -3.36 36.53 -4.39
CA GLU A 151 -3.78 35.68 -3.29
C GLU A 151 -4.36 34.42 -3.89
N PRO A 152 -4.54 33.37 -3.10
CA PRO A 152 -5.21 32.17 -3.60
C PRO A 152 -6.62 32.49 -4.11
N GLN A 153 -7.00 31.87 -5.23
CA GLN A 153 -8.20 32.26 -5.90
C GLN A 153 -8.65 31.09 -6.75
N MET A 154 -9.96 30.84 -6.78
CA MET A 154 -10.58 29.88 -7.70
C MET A 154 -11.29 30.66 -8.80
N VAL A 155 -11.03 30.30 -10.06
CA VAL A 155 -11.64 30.95 -11.21
C VAL A 155 -12.30 29.88 -12.07
N LEU A 156 -13.55 30.14 -12.48
CA LEU A 156 -14.40 29.22 -13.23
C LEU A 156 -14.35 29.62 -14.70
N PHE A 157 -14.20 28.65 -15.59
CA PHE A 157 -14.20 28.88 -17.05
C PHE A 157 -14.90 27.70 -17.70
N ASN A 158 -15.51 27.91 -18.85
CA ASN A 158 -15.98 26.75 -19.64
C ASN A 158 -14.86 26.70 -20.67
N ILE A 159 -14.10 25.59 -20.77
CA ILE A 159 -12.98 25.54 -21.69
C ILE A 159 -13.44 25.23 -23.11
N TYR A 160 -14.72 24.89 -23.29
CA TYR A 160 -15.28 24.67 -24.63
C TYR A 160 -16.02 25.88 -25.17
N ASP A 161 -15.95 27.03 -24.51
CA ASP A 161 -16.73 28.19 -24.94
C ASP A 161 -18.17 27.72 -25.15
N ASP A 162 -18.80 28.03 -26.29
CA ASP A 162 -20.16 27.63 -26.60
C ASP A 162 -20.20 26.43 -27.52
N TRP A 163 -19.10 25.68 -27.67
CA TRP A 163 -19.05 24.68 -28.72
C TRP A 163 -20.17 23.64 -28.56
N LEU A 164 -20.56 23.32 -27.32
CA LEU A 164 -21.54 22.26 -27.09
C LEU A 164 -22.91 22.60 -27.63
N ASP A 165 -23.16 23.86 -28.00
CA ASP A 165 -24.39 24.20 -28.73
C ASP A 165 -24.41 23.59 -30.11
N ARG A 166 -23.25 23.26 -30.67
CA ARG A 166 -23.19 22.75 -32.03
C ARG A 166 -22.55 21.36 -32.19
N ILE A 167 -21.73 20.91 -31.22
CA ILE A 167 -21.01 19.64 -31.31
C ILE A 167 -21.17 18.86 -30.02
N SER A 168 -20.87 17.57 -30.07
CA SER A 168 -20.94 16.72 -28.90
C SER A 168 -19.71 16.93 -28.00
N SER A 169 -19.82 16.43 -26.77
N SER A 169 -19.77 16.38 -26.78
CA SER A 169 -18.70 16.46 -25.85
CA SER A 169 -18.64 16.50 -25.87
C SER A 169 -17.50 15.72 -26.42
C SER A 169 -17.47 15.62 -26.28
N TYR A 170 -17.72 14.51 -26.99
CA TYR A 170 -16.62 13.78 -27.57
C TYR A 170 -15.86 14.66 -28.55
N THR A 171 -16.59 15.33 -29.46
CA THR A 171 -15.94 16.16 -30.46
C THR A 171 -15.29 17.37 -29.82
N ALA A 172 -15.94 17.93 -28.81
CA ALA A 172 -15.37 19.10 -28.12
C ALA A 172 -14.06 18.75 -27.43
N PHE A 173 -14.03 17.62 -26.70
CA PHE A 173 -12.80 17.19 -26.07
C PHE A 173 -11.72 16.92 -27.10
N SER A 174 -12.07 16.25 -28.21
CA SER A 174 -11.08 16.03 -29.26
C SER A 174 -10.52 17.35 -29.80
N ARG A 175 -11.37 18.35 -29.99
CA ARG A 175 -10.88 19.65 -30.43
C ARG A 175 -9.95 20.26 -29.39
N LEU A 176 -10.35 20.17 -28.12
CA LEU A 176 -9.54 20.77 -27.06
C LEU A 176 -8.16 20.15 -27.01
N THR A 177 -8.12 18.80 -27.02
CA THR A 177 -6.85 18.07 -26.93
C THR A 177 -6.01 18.34 -28.17
N LEU A 178 -6.63 18.52 -29.33
CA LEU A 178 -5.84 18.87 -30.51
C LEU A 178 -5.24 20.26 -30.39
N LEU A 179 -6.02 21.22 -29.92
CA LEU A 179 -5.50 22.57 -29.76
C LEU A 179 -4.36 22.58 -28.77
N LEU A 180 -4.54 21.88 -27.66
CA LEU A 180 -3.53 21.95 -26.61
C LEU A 180 -2.28 21.17 -27.01
N ARG A 181 -2.45 20.03 -27.66
CA ARG A 181 -1.29 19.34 -28.22
C ARG A 181 -0.51 20.25 -29.16
N ALA A 182 -1.19 20.99 -30.04
CA ALA A 182 -0.50 21.91 -30.93
C ALA A 182 0.24 22.98 -30.15
N LEU A 183 -0.44 23.58 -29.18
CA LEU A 183 0.19 24.61 -28.38
C LEU A 183 1.40 24.06 -27.62
N LYS A 184 1.33 22.79 -27.21
CA LYS A 184 2.45 22.19 -26.49
C LYS A 184 3.62 21.88 -27.42
N THR A 185 3.34 21.48 -28.67
N THR A 185 3.33 21.52 -28.67
CA THR A 185 4.42 21.10 -29.57
CA THR A 185 4.41 21.11 -29.57
C THR A 185 5.12 22.32 -30.17
C THR A 185 5.11 22.30 -30.19
N ASN A 186 4.35 23.34 -30.56
CA ASN A 186 4.92 24.58 -31.10
C ASN A 186 3.94 25.71 -30.79
N GLU A 187 4.17 26.38 -29.66
CA GLU A 187 3.25 27.40 -29.21
C GLU A 187 3.16 28.56 -30.18
N GLU A 188 4.29 28.99 -30.75
CA GLU A 188 4.27 30.15 -31.62
C GLU A 188 3.46 29.86 -32.86
N SER A 189 3.78 28.78 -33.56
CA SER A 189 3.01 28.40 -34.75
C SER A 189 1.55 28.22 -34.39
N ALA A 190 1.25 27.47 -33.34
CA ALA A 190 -0.13 27.26 -32.91
C ALA A 190 -0.85 28.59 -32.73
N LYS A 191 -0.22 29.52 -32.01
CA LYS A 191 -0.90 30.78 -31.77
C LYS A 191 -1.02 31.61 -33.04
N MET A 192 -0.04 31.52 -33.95
CA MET A 192 -0.18 32.16 -35.26
CA MET A 192 -0.18 32.15 -35.26
C MET A 192 -1.41 31.62 -36.00
N ILE A 193 -1.59 30.30 -36.02
CA ILE A 193 -2.74 29.72 -36.70
C ILE A 193 -4.04 30.32 -36.17
N LEU A 194 -4.15 30.41 -34.85
CA LEU A 194 -5.43 30.76 -34.23
C LEU A 194 -5.79 32.23 -34.42
N LEU A 195 -4.81 33.11 -34.56
CA LEU A 195 -5.05 34.55 -34.60
C LEU A 195 -4.63 35.20 -35.92
N SER A 196 -4.32 34.43 -36.95
CA SER A 196 -3.77 35.01 -38.17
C SER A 196 -4.76 35.95 -38.84
N ASP A 197 -6.07 35.68 -38.73
CA ASP A 197 -7.10 36.43 -39.42
C ASP A 197 -7.71 37.48 -38.49
N PRO A 198 -7.30 38.75 -38.58
CA PRO A 198 -7.78 39.73 -37.59
C PRO A 198 -9.29 39.85 -37.51
N THR A 199 -10.05 39.28 -38.46
CA THR A 199 -11.50 39.47 -38.47
C THR A 199 -12.23 38.50 -37.55
N ILE A 200 -11.57 37.43 -37.09
CA ILE A 200 -12.16 36.46 -36.17
C ILE A 200 -11.69 36.82 -34.77
N THR A 201 -12.62 37.10 -33.88
CA THR A 201 -12.28 37.63 -32.57
C THR A 201 -12.61 36.60 -31.50
N ILE A 202 -12.13 36.88 -30.29
CA ILE A 202 -12.42 36.11 -29.09
C ILE A 202 -13.42 36.89 -28.26
N LYS A 203 -14.60 36.33 -28.05
CA LYS A 203 -15.59 37.05 -27.26
C LYS A 203 -15.03 37.28 -25.86
N SER A 204 -15.51 38.35 -25.24
CA SER A 204 -15.02 38.67 -23.90
C SER A 204 -15.22 37.49 -22.95
N TYR A 205 -16.33 36.75 -23.08
CA TYR A 205 -16.65 35.64 -22.19
C TYR A 205 -16.13 34.29 -22.70
N HIS A 206 -15.25 34.29 -23.69
CA HIS A 206 -14.69 33.06 -24.24
C HIS A 206 -13.18 33.03 -24.13
N LEU A 207 -12.63 31.85 -24.41
CA LEU A 207 -11.19 31.62 -24.40
C LEU A 207 -10.60 31.50 -25.80
N TRP A 208 -11.38 31.02 -26.76
CA TRP A 208 -10.91 30.72 -28.10
C TRP A 208 -11.67 31.60 -29.09
N PRO A 209 -11.19 31.71 -30.32
CA PRO A 209 -11.87 32.55 -31.31
C PRO A 209 -13.20 31.98 -31.77
N SER A 210 -14.05 32.87 -32.28
CA SER A 210 -15.42 32.53 -32.69
C SER A 210 -15.46 32.02 -34.13
N PHE A 211 -14.87 30.85 -34.34
CA PHE A 211 -14.82 30.27 -35.67
C PHE A 211 -16.18 29.71 -36.06
N THR A 212 -16.52 29.83 -37.34
CA THR A 212 -17.61 29.07 -37.90
C THR A 212 -17.26 27.59 -37.97
N ASP A 213 -18.28 26.76 -38.17
CA ASP A 213 -18.04 25.34 -38.34
C ASP A 213 -17.00 25.08 -39.43
N GLU A 214 -17.11 25.79 -40.55
CA GLU A 214 -16.19 25.55 -41.65
C GLU A 214 -14.79 26.00 -41.29
N GLN A 215 -14.70 27.13 -40.56
CA GLN A 215 -13.41 27.64 -40.15
C GLN A 215 -12.74 26.73 -39.12
N TRP A 216 -13.52 26.04 -38.29
CA TRP A 216 -12.92 25.09 -37.35
C TRP A 216 -12.29 23.92 -38.09
N ILE A 217 -12.91 23.47 -39.17
CA ILE A 217 -12.31 22.38 -39.92
C ILE A 217 -10.97 22.81 -40.49
N THR A 218 -10.92 24.00 -41.08
CA THR A 218 -9.65 24.54 -41.55
C THR A 218 -8.64 24.62 -40.40
N ILE A 219 -9.05 25.23 -39.28
CA ILE A 219 -8.17 25.34 -38.12
C ILE A 219 -7.68 23.97 -37.68
N GLU A 220 -8.61 23.04 -37.47
CA GLU A 220 -8.22 21.72 -36.98
C GLU A 220 -7.24 21.07 -37.93
N SER A 221 -7.42 21.28 -39.24
N SER A 221 -7.45 21.25 -39.24
CA SER A 221 -6.48 20.72 -40.19
CA SER A 221 -6.49 20.75 -40.22
C SER A 221 -5.10 21.36 -40.05
C SER A 221 -5.11 21.35 -39.99
N GLN A 222 -5.06 22.67 -39.83
CA GLN A 222 -3.76 23.32 -39.66
C GLN A 222 -3.05 22.85 -38.40
N MET A 223 -3.80 22.51 -37.35
CA MET A 223 -3.18 22.03 -36.11
C MET A 223 -2.61 20.63 -36.27
N ARG A 224 -3.33 19.76 -36.98
N ARG A 224 -3.31 19.77 -37.02
CA ARG A 224 -2.80 18.45 -37.32
CA ARG A 224 -2.79 18.44 -37.29
C ARG A 224 -1.51 18.56 -38.14
C ARG A 224 -1.53 18.51 -38.17
N ASP A 225 -1.53 19.39 -39.18
CA ASP A 225 -0.32 19.62 -39.96
CA ASP A 225 -0.32 19.61 -39.95
C ASP A 225 0.84 20.01 -39.05
N LEU A 226 0.62 20.98 -38.17
CA LEU A 226 1.66 21.44 -37.25
C LEU A 226 2.23 20.29 -36.45
N ILE A 227 1.37 19.40 -35.94
CA ILE A 227 1.83 18.34 -35.03
C ILE A 227 2.63 17.29 -35.78
N LEU A 228 2.28 17.01 -37.04
CA LEU A 228 3.10 16.10 -37.85
C LEU A 228 4.41 16.78 -38.25
N THR A 229 4.33 18.01 -38.74
CA THR A 229 5.50 18.80 -39.07
C THR A 229 6.52 18.75 -37.94
N GLU A 230 6.19 19.33 -36.78
CA GLU A 230 7.11 19.32 -35.65
C GLU A 230 7.61 17.92 -35.37
N TYR A 231 6.79 16.91 -35.64
CA TYR A 231 7.25 15.53 -35.51
C TYR A 231 8.26 15.17 -36.59
N GLY A 232 8.25 15.86 -37.73
CA GLY A 232 9.30 15.71 -38.71
C GLY A 232 10.52 16.53 -38.35
N ARG A 233 10.32 17.83 -38.07
CA ARG A 233 11.43 18.67 -37.64
C ARG A 233 12.14 18.09 -36.43
N LYS A 234 11.40 17.40 -35.56
CA LYS A 234 12.02 16.81 -34.38
C LYS A 234 12.74 15.51 -34.72
N TYR A 235 12.09 14.63 -35.47
CA TYR A 235 12.64 13.32 -35.79
C TYR A 235 13.36 13.28 -37.14
N ASN A 236 13.25 14.33 -37.95
CA ASN A 236 13.83 14.37 -39.30
C ASN A 236 13.23 13.25 -40.17
N VAL A 237 11.98 13.48 -40.57
CA VAL A 237 11.24 12.55 -41.42
C VAL A 237 10.58 13.32 -42.57
N MET B 5 10.82 -30.26 32.20
CA MET B 5 10.68 -30.73 30.79
C MET B 5 9.38 -31.52 30.57
N ASN B 6 8.57 -31.11 29.60
CA ASN B 6 7.25 -31.70 29.41
C ASN B 6 7.19 -32.55 28.15
N THR B 7 6.07 -33.23 27.99
CA THR B 7 5.95 -34.30 27.00
C THR B 7 4.63 -34.15 26.28
N VAL B 8 4.63 -34.40 24.98
CA VAL B 8 3.42 -34.49 24.20
C VAL B 8 3.36 -35.88 23.58
N PRO B 9 2.65 -36.81 24.22
CA PRO B 9 2.57 -38.17 23.70
C PRO B 9 1.66 -38.25 22.48
N PHE B 10 1.93 -39.24 21.64
CA PHE B 10 1.09 -39.59 20.50
C PHE B 10 0.44 -40.93 20.75
N THR B 11 -0.85 -41.02 20.51
CA THR B 11 -1.50 -42.32 20.59
C THR B 11 -0.86 -43.30 19.62
N SER B 12 -0.64 -42.87 18.37
CA SER B 12 -0.03 -43.69 17.34
C SER B 12 0.31 -42.79 16.16
N ALA B 13 0.91 -43.40 15.13
CA ALA B 13 1.20 -42.69 13.87
C ALA B 13 0.71 -43.52 12.69
N PRO B 14 -0.60 -43.50 12.43
CA PRO B 14 -1.15 -44.37 11.38
C PRO B 14 -0.89 -43.93 9.95
N ILE B 15 -0.50 -42.69 9.70
CA ILE B 15 -0.17 -42.26 8.34
C ILE B 15 1.19 -41.58 8.35
N GLU B 16 1.93 -41.80 7.27
CA GLU B 16 3.27 -41.25 7.11
C GLU B 16 3.18 -39.73 7.08
N VAL B 17 4.03 -39.08 7.88
CA VAL B 17 3.89 -37.65 8.12
C VAL B 17 5.26 -37.12 8.52
N THR B 18 5.53 -35.89 8.07
CA THR B 18 6.64 -35.11 8.62
C THR B 18 6.11 -34.26 9.78
N ILE B 19 6.71 -34.45 10.95
CA ILE B 19 6.29 -33.79 12.18
C ILE B 19 7.32 -32.73 12.50
N GLY B 20 6.86 -31.51 12.75
CA GLY B 20 7.73 -30.47 13.25
C GLY B 20 7.43 -30.16 14.70
N ILE B 21 8.47 -29.81 15.44
CA ILE B 21 8.26 -29.26 16.77
C ILE B 21 9.18 -28.05 16.80
N ASP B 22 8.58 -26.89 16.97
CA ASP B 22 9.29 -25.61 16.80
C ASP B 22 10.08 -25.65 15.50
N GLN B 23 11.37 -25.34 15.51
CA GLN B 23 12.16 -25.26 14.30
C GLN B 23 12.77 -26.61 13.90
N TYR B 24 12.43 -27.70 14.59
CA TYR B 24 12.92 -29.03 14.28
C TYR B 24 11.85 -29.84 13.55
N SER B 25 12.28 -30.91 12.89
CA SER B 25 11.32 -31.74 12.17
C SER B 25 11.92 -33.10 11.90
N PHE B 26 11.04 -34.09 11.74
CA PHE B 26 11.47 -35.46 11.53
C PHE B 26 10.35 -36.22 10.85
N ASN B 27 10.74 -37.28 10.14
CA ASN B 27 9.82 -38.07 9.33
C ASN B 27 9.37 -39.28 10.12
N VAL B 28 8.07 -39.58 10.07
CA VAL B 28 7.53 -40.78 10.69
C VAL B 28 6.85 -41.61 9.60
N LYS B 29 7.22 -42.87 9.52
CA LYS B 29 6.64 -43.70 8.47
C LYS B 29 5.26 -44.23 8.88
N GLU B 30 4.51 -44.68 7.88
CA GLU B 30 3.17 -45.22 8.11
C GLU B 30 3.22 -46.38 9.11
N ASN B 31 2.44 -46.25 10.19
CA ASN B 31 2.37 -47.21 11.29
C ASN B 31 3.73 -47.46 11.96
N GLN B 32 4.67 -46.54 11.85
CA GLN B 32 5.91 -46.69 12.60
C GLN B 32 5.62 -46.54 14.10
N PRO B 33 6.26 -47.32 14.96
CA PRO B 33 6.04 -47.15 16.40
C PRO B 33 6.59 -45.82 16.90
N PHE B 34 5.70 -44.86 17.09
CA PHE B 34 6.06 -43.52 17.50
C PHE B 34 5.05 -43.06 18.52
N HIS B 35 5.52 -42.63 19.70
CA HIS B 35 4.58 -42.21 20.73
C HIS B 35 4.89 -40.86 21.34
N GLY B 36 5.64 -40.00 20.64
CA GLY B 36 5.57 -38.60 20.98
C GLY B 36 6.92 -37.96 21.16
N ILE B 37 6.85 -36.78 21.76
CA ILE B 37 7.99 -35.87 21.92
C ILE B 37 8.15 -35.55 23.40
N LYS B 38 9.35 -35.77 23.91
CA LYS B 38 9.65 -35.53 25.31
C LYS B 38 10.70 -34.43 25.41
N ASP B 39 10.95 -34.00 26.65
CA ASP B 39 12.00 -33.01 26.98
C ASP B 39 11.72 -31.65 26.36
N ILE B 40 10.45 -31.27 26.23
CA ILE B 40 10.08 -29.98 25.66
C ILE B 40 10.33 -28.89 26.69
N PRO B 41 11.11 -27.86 26.36
CA PRO B 41 11.43 -26.85 27.37
C PRO B 41 10.19 -26.13 27.87
N ILE B 42 10.16 -25.98 29.17
CA ILE B 42 9.12 -25.25 29.83
C ILE B 42 9.50 -23.77 29.81
N GLY B 43 8.50 -22.93 29.65
CA GLY B 43 8.68 -21.49 29.69
C GLY B 43 8.43 -20.78 28.40
N HIS B 44 8.18 -21.53 27.31
CA HIS B 44 7.99 -20.95 26.00
C HIS B 44 6.69 -21.52 25.46
N VAL B 45 6.09 -20.82 24.51
N VAL B 45 6.04 -20.78 24.58
CA VAL B 45 5.04 -21.41 23.67
CA VAL B 45 5.07 -21.46 23.71
C VAL B 45 5.68 -22.19 22.54
C VAL B 45 5.82 -22.41 22.79
N HIS B 46 5.07 -23.33 22.18
CA HIS B 46 5.64 -24.25 21.22
C HIS B 46 4.59 -24.48 20.14
N VAL B 47 5.05 -25.00 19.03
CA VAL B 47 4.15 -25.36 17.93
C VAL B 47 4.53 -26.75 17.47
N ILE B 48 3.54 -27.61 17.30
N ILE B 48 3.55 -27.64 17.38
CA ILE B 48 3.76 -28.92 16.75
CA ILE B 48 3.74 -28.94 16.76
C ILE B 48 2.96 -29.00 15.45
C ILE B 48 2.99 -28.89 15.44
N HIS B 49 3.63 -29.40 14.39
CA HIS B 49 3.08 -29.19 13.06
C HIS B 49 3.35 -30.38 12.14
N PHE B 50 2.55 -30.45 11.07
CA PHE B 50 2.36 -31.70 10.37
C PHE B 50 2.27 -31.43 8.88
N GLN B 51 2.91 -32.31 8.09
CA GLN B 51 2.72 -32.32 6.65
C GLN B 51 2.64 -33.77 6.21
N HIS B 52 1.48 -34.18 5.74
CA HIS B 52 1.34 -35.57 5.37
C HIS B 52 2.17 -35.88 4.14
N ALA B 53 2.67 -37.12 4.07
CA ALA B 53 3.53 -37.49 2.96
C ALA B 53 2.75 -37.57 1.65
N ASP B 54 1.46 -37.88 1.72
CA ASP B 54 0.69 -38.07 0.50
C ASP B 54 0.10 -36.78 -0.04
N ASN B 55 -0.21 -35.82 0.83
CA ASN B 55 -0.77 -34.54 0.43
C ASN B 55 0.05 -33.46 1.13
N SER B 56 1.15 -33.07 0.50
CA SER B 56 1.90 -31.93 1.00
C SER B 56 1.05 -30.67 1.06
N SER B 57 -0.13 -30.67 0.43
CA SER B 57 -1.08 -29.60 0.64
C SER B 57 -1.56 -29.61 2.09
N MET B 58 -1.76 -28.42 2.65
N MET B 58 -1.70 -28.40 2.64
CA MET B 58 -2.14 -28.29 4.05
CA MET B 58 -2.13 -28.17 4.00
C MET B 58 -0.98 -28.71 4.96
C MET B 58 -1.09 -28.63 5.02
N ARG B 59 -0.11 -27.77 5.28
CA ARG B 59 0.61 -27.84 6.53
C ARG B 59 -0.36 -27.36 7.60
N TYR B 60 -0.39 -28.04 8.76
CA TYR B 60 -1.25 -27.57 9.85
C TYR B 60 -0.55 -27.87 11.17
N GLY B 61 -1.06 -27.30 12.26
CA GLY B 61 -0.44 -27.58 13.54
C GLY B 61 -1.10 -26.84 14.68
N TYR B 62 -0.46 -26.92 15.86
CA TYR B 62 -1.05 -26.49 17.12
C TYR B 62 -0.03 -25.72 17.92
N TRP B 63 -0.43 -24.52 18.34
CA TRP B 63 0.30 -23.72 19.32
C TRP B 63 -0.17 -24.09 20.71
N PHE B 64 0.77 -24.27 21.64
CA PHE B 64 0.44 -24.75 22.97
C PHE B 64 1.55 -24.33 23.92
N ASP B 65 1.23 -24.41 25.21
CA ASP B 65 2.12 -24.07 26.32
C ASP B 65 1.86 -25.15 27.36
N CYS B 66 2.86 -26.02 27.57
CA CYS B 66 2.70 -27.16 28.48
C CYS B 66 2.36 -26.74 29.91
N ARG B 67 2.53 -25.49 30.27
CA ARG B 67 2.15 -25.07 31.61
C ARG B 67 0.64 -24.97 31.78
N MET B 68 -0.12 -24.99 30.69
N MET B 68 -0.11 -24.97 30.69
CA MET B 68 -1.56 -24.78 30.74
CA MET B 68 -1.56 -24.76 30.71
C MET B 68 -2.37 -26.06 30.71
C MET B 68 -2.36 -26.06 30.67
N GLY B 69 -1.71 -27.21 30.67
CA GLY B 69 -2.42 -28.47 30.63
C GLY B 69 -1.56 -29.57 30.07
N ASN B 70 -2.11 -30.78 30.11
CA ASN B 70 -1.48 -31.97 29.54
C ASN B 70 -2.10 -32.26 28.18
N PHE B 71 -1.28 -32.19 27.14
CA PHE B 71 -1.77 -32.28 25.76
C PHE B 71 -1.17 -33.50 25.09
N TYR B 72 -1.95 -34.13 24.23
CA TYR B 72 -1.48 -35.26 23.44
C TYR B 72 -2.04 -35.15 22.03
N ILE B 73 -1.48 -35.98 21.14
CA ILE B 73 -1.86 -36.04 19.72
C ILE B 73 -2.47 -37.42 19.42
N GLN B 74 -3.56 -37.40 18.65
CA GLN B 74 -4.23 -38.63 18.25
C GLN B 74 -4.72 -38.42 16.84
N TYR B 75 -4.43 -39.36 15.95
CA TYR B 75 -4.93 -39.27 14.57
C TYR B 75 -6.42 -39.59 14.54
N ASP B 76 -7.17 -38.78 13.80
CA ASP B 76 -8.60 -38.97 13.55
C ASP B 76 -8.78 -39.47 12.12
N PRO B 77 -9.12 -40.74 11.91
CA PRO B 77 -9.30 -41.24 10.52
C PRO B 77 -10.54 -40.71 9.83
N LYS B 78 -11.46 -40.06 10.54
CA LYS B 78 -12.62 -39.48 9.85
C LYS B 78 -12.26 -38.14 9.24
N ASP B 79 -11.70 -37.24 10.06
CA ASP B 79 -11.29 -35.92 9.58
C ASP B 79 -9.90 -35.93 8.96
N GLY B 80 -9.17 -37.03 9.09
CA GLY B 80 -7.94 -37.25 8.37
C GLY B 80 -6.80 -36.38 8.84
N LEU B 81 -6.73 -36.12 10.13
CA LEU B 81 -5.58 -35.36 10.59
C LEU B 81 -5.20 -35.73 12.01
N TYR B 82 -3.98 -35.38 12.36
CA TYR B 82 -3.51 -35.51 13.72
C TYR B 82 -4.11 -34.38 14.55
N LYS B 83 -4.83 -34.71 15.62
CA LYS B 83 -5.51 -33.68 16.41
C LYS B 83 -4.84 -33.55 17.77
N MET B 84 -4.75 -32.35 18.27
CA MET B 84 -4.32 -32.18 19.65
C MET B 84 -5.54 -32.26 20.54
N MET B 85 -5.37 -32.87 21.71
CA MET B 85 -6.42 -32.95 22.71
C MET B 85 -5.81 -32.72 24.09
N GLU B 86 -6.65 -32.30 25.04
CA GLU B 86 -6.24 -32.16 26.43
C GLU B 86 -6.69 -33.39 27.22
N GLU B 87 -5.78 -33.95 28.02
CA GLU B 87 -6.10 -35.00 28.97
C GLU B 87 -6.28 -34.36 30.33
N ARG B 88 -7.50 -34.43 30.88
CA ARG B 88 -7.78 -33.81 32.16
C ARG B 88 -7.43 -34.72 33.34
N ASP B 89 -7.36 -36.04 33.14
CA ASP B 89 -7.00 -37.00 34.18
C ASP B 89 -5.49 -37.01 34.36
N GLY B 90 -4.99 -36.30 35.38
CA GLY B 90 -3.57 -36.11 35.53
C GLY B 90 -2.79 -37.40 35.76
N ALA B 91 -3.38 -38.34 36.51
CA ALA B 91 -2.70 -39.59 36.80
C ALA B 91 -2.68 -40.51 35.59
N LYS B 92 -3.79 -40.54 34.85
CA LYS B 92 -3.80 -41.27 33.59
C LYS B 92 -2.71 -40.78 32.65
N PHE B 93 -2.50 -39.46 32.58
CA PHE B 93 -1.52 -38.90 31.67
C PHE B 93 -0.10 -39.24 32.09
N GLU B 94 0.25 -38.96 33.36
CA GLU B 94 1.59 -39.29 33.83
C GLU B 94 1.89 -40.75 33.57
N ASN B 95 0.89 -41.61 33.78
CA ASN B 95 1.08 -43.04 33.58
C ASN B 95 1.37 -43.35 32.12
N ILE B 96 0.59 -42.78 31.21
CA ILE B 96 0.81 -42.99 29.79
C ILE B 96 2.23 -42.58 29.42
N VAL B 97 2.64 -41.38 29.81
CA VAL B 97 3.95 -40.88 29.44
C VAL B 97 5.04 -41.79 30.00
N HIS B 98 5.04 -41.98 31.32
CA HIS B 98 6.08 -42.80 31.93
C HIS B 98 6.25 -44.15 31.20
N ASN B 99 5.15 -44.79 30.77
CA ASN B 99 5.26 -46.05 30.06
C ASN B 99 5.93 -45.88 28.69
N PHE B 100 5.57 -44.82 27.95
CA PHE B 100 6.16 -44.61 26.62
C PHE B 100 7.64 -44.24 26.72
N LYS B 101 8.00 -43.50 27.76
CA LYS B 101 9.42 -43.21 28.00
C LYS B 101 10.18 -44.48 28.34
N GLU B 102 9.61 -45.33 29.20
CA GLU B 102 10.27 -46.58 29.57
C GLU B 102 10.51 -47.43 28.34
N ARG B 103 9.60 -47.40 27.37
CA ARG B 103 9.77 -48.14 26.13
C ARG B 103 10.57 -47.38 25.08
N GLN B 104 11.03 -46.16 25.41
CA GLN B 104 11.87 -45.35 24.52
C GLN B 104 11.25 -45.17 23.15
N MET B 105 9.96 -44.87 23.13
CA MET B 105 9.25 -44.68 21.87
C MET B 105 9.00 -43.21 21.58
N MET B 106 9.75 -42.29 22.21
CA MET B 106 9.58 -40.87 22.01
C MET B 106 10.87 -40.22 21.54
N VAL B 107 10.74 -39.22 20.68
CA VAL B 107 11.87 -38.40 20.28
C VAL B 107 12.08 -37.33 21.33
N SER B 108 13.31 -36.88 21.44
CA SER B 108 13.68 -35.89 22.43
C SER B 108 13.79 -34.51 21.76
N TYR B 109 13.12 -33.51 22.33
CA TYR B 109 13.25 -32.16 21.82
C TYR B 109 14.74 -31.82 21.80
N PRO B 110 15.31 -31.56 20.65
CA PRO B 110 16.75 -31.70 20.50
C PRO B 110 17.45 -30.37 20.60
N LYS B 111 17.34 -29.72 21.76
CA LYS B 111 17.87 -28.39 21.95
C LYS B 111 19.32 -28.44 22.40
N ILE B 112 20.18 -27.82 21.59
CA ILE B 112 21.57 -27.57 21.95
C ILE B 112 21.62 -26.51 23.06
N ASP B 113 22.54 -26.67 24.00
CA ASP B 113 22.50 -25.83 25.19
C ASP B 113 22.85 -24.38 24.87
N GLU B 114 23.81 -24.15 23.96
CA GLU B 114 24.18 -22.80 23.54
C GLU B 114 23.05 -22.06 22.82
N ASP B 115 22.02 -22.76 22.39
CA ASP B 115 21.12 -22.26 21.36
C ASP B 115 19.96 -21.50 21.98
N ASP B 116 19.83 -20.22 21.62
CA ASP B 116 18.72 -19.41 22.07
C ASP B 116 17.72 -19.14 20.93
N THR B 117 17.81 -19.86 19.82
CA THR B 117 16.98 -19.53 18.67
C THR B 117 15.51 -19.49 19.03
N TRP B 118 14.99 -20.54 19.69
CA TRP B 118 13.54 -20.53 19.89
C TRP B 118 13.11 -19.42 20.84
N TYR B 119 13.86 -19.21 21.94
CA TYR B 119 13.58 -18.05 22.78
C TYR B 119 13.56 -16.78 21.95
N ASN B 120 14.54 -16.61 21.06
CA ASN B 120 14.65 -15.35 20.36
C ASN B 120 13.51 -15.15 19.37
N LEU B 121 12.94 -16.23 18.88
CA LEU B 121 11.81 -16.14 17.94
C LEU B 121 10.47 -15.98 18.63
N THR B 122 10.38 -16.32 19.92
CA THR B 122 9.11 -16.34 20.66
C THR B 122 9.17 -15.45 21.89
N GLU B 123 10.17 -14.57 21.99
CA GLU B 123 10.40 -13.78 23.20
C GLU B 123 9.13 -13.10 23.71
N PHE B 124 8.32 -12.52 22.83
CA PHE B 124 7.14 -11.75 23.23
C PHE B 124 5.83 -12.45 22.93
N VAL B 125 5.88 -13.68 22.48
CA VAL B 125 4.69 -14.46 22.13
C VAL B 125 4.14 -15.13 23.39
N GLN B 126 2.85 -14.92 23.65
N GLN B 126 2.88 -14.84 23.69
CA GLN B 126 2.20 -15.46 24.83
CA GLN B 126 2.16 -15.43 24.82
C GLN B 126 0.91 -16.16 24.43
C GLN B 126 0.99 -16.25 24.31
N MET B 127 0.68 -17.36 24.99
CA MET B 127 -0.49 -18.14 24.62
C MET B 127 -1.77 -17.34 24.73
N ASP B 128 -1.89 -16.50 25.76
CA ASP B 128 -3.15 -15.79 25.92
C ASP B 128 -3.43 -14.89 24.72
N LYS B 129 -2.38 -14.31 24.13
CA LYS B 129 -2.61 -13.46 22.96
C LYS B 129 -2.85 -14.30 21.71
N ILE B 130 -2.13 -15.41 21.57
CA ILE B 130 -2.42 -16.34 20.47
C ILE B 130 -3.91 -16.69 20.45
N ARG B 131 -4.50 -16.92 21.63
CA ARG B 131 -5.87 -17.43 21.69
C ARG B 131 -6.88 -16.34 21.35
N LYS B 132 -6.47 -15.07 21.39
CA LYS B 132 -7.33 -14.00 20.88
C LYS B 132 -7.19 -13.83 19.38
N ILE B 133 -6.03 -14.13 18.81
CA ILE B 133 -5.90 -14.11 17.36
C ILE B 133 -6.60 -15.33 16.75
N VAL B 134 -6.49 -16.49 17.41
CA VAL B 134 -7.08 -17.75 16.96
C VAL B 134 -8.17 -18.11 17.96
N ARG B 135 -9.43 -17.84 17.62
CA ARG B 135 -10.52 -17.95 18.58
C ARG B 135 -11.10 -19.36 18.54
N LYS B 136 -10.94 -20.09 19.64
CA LYS B 136 -11.59 -21.39 19.84
C LYS B 136 -11.54 -21.70 21.33
N ASP B 137 -12.37 -20.99 22.09
CA ASP B 137 -12.15 -20.85 23.52
C ASP B 137 -12.31 -22.15 24.30
N GLU B 138 -12.89 -23.19 23.70
CA GLU B 138 -13.02 -24.44 24.43
C GLU B 138 -11.72 -25.24 24.48
N ASN B 139 -10.68 -24.83 23.78
CA ASN B 139 -9.37 -25.48 23.84
C ASN B 139 -8.32 -24.51 24.38
N GLN B 140 -7.33 -25.08 25.06
CA GLN B 140 -6.19 -24.31 25.56
C GLN B 140 -5.07 -24.14 24.54
N PHE B 141 -5.16 -24.84 23.42
CA PHE B 141 -4.18 -24.81 22.34
C PHE B 141 -4.89 -24.29 21.10
N SER B 142 -4.11 -23.86 20.09
CA SER B 142 -4.65 -23.13 18.94
C SER B 142 -4.24 -23.77 17.63
N TYR B 143 -5.22 -24.12 16.78
CA TYR B 143 -4.95 -24.70 15.48
C TYR B 143 -4.73 -23.64 14.43
N VAL B 144 -3.70 -23.84 13.60
CA VAL B 144 -3.44 -22.95 12.47
C VAL B 144 -3.07 -23.83 11.27
N ASP B 145 -3.47 -23.40 10.06
CA ASP B 145 -3.02 -24.09 8.87
C ASP B 145 -2.75 -23.12 7.70
N SER B 146 -2.25 -23.71 6.60
CA SER B 146 -1.79 -22.95 5.45
C SER B 146 -2.88 -22.06 4.85
N SER B 147 -4.13 -22.51 4.90
CA SER B 147 -5.20 -21.87 4.14
C SER B 147 -5.98 -20.82 4.92
N MET B 148 -5.84 -20.77 6.25
CA MET B 148 -6.66 -19.83 7.02
C MET B 148 -6.40 -18.40 6.59
N THR B 149 -7.47 -17.64 6.46
CA THR B 149 -7.39 -16.24 6.07
C THR B 149 -7.54 -15.35 7.28
N THR B 150 -7.06 -14.13 7.13
CA THR B 150 -7.10 -13.15 8.19
C THR B 150 -8.38 -12.33 8.09
N VAL B 151 -8.77 -11.72 9.22
CA VAL B 151 -9.90 -10.80 9.23
C VAL B 151 -9.77 -9.78 8.10
N GLN B 152 -8.58 -9.17 7.97
CA GLN B 152 -8.42 -8.14 6.95
C GLN B 152 -8.54 -8.73 5.54
N GLU B 153 -7.99 -9.92 5.32
CA GLU B 153 -8.17 -10.59 4.02
C GLU B 153 -9.64 -10.78 3.70
N ASN B 154 -10.46 -11.13 4.72
CA ASN B 154 -11.87 -11.39 4.50
C ASN B 154 -12.63 -10.10 4.16
N GLU B 155 -12.13 -8.95 4.61
CA GLU B 155 -12.79 -7.67 4.31
C GLU B 155 -12.67 -7.33 2.82
N LEU B 156 -11.58 -7.73 2.18
CA LEU B 156 -11.33 -7.37 0.78
C LEU B 156 -11.85 -8.42 -0.18
N SER B 161 -14.00 -16.96 3.91
CA SER B 161 -15.09 -16.08 4.32
C SER B 161 -15.77 -16.60 5.59
N ASP B 162 -15.26 -17.72 6.14
CA ASP B 162 -15.80 -18.31 7.37
C ASP B 162 -15.15 -17.65 8.60
N PRO B 163 -15.88 -16.83 9.36
CA PRO B 163 -15.23 -16.09 10.45
C PRO B 163 -14.67 -16.96 11.57
N ALA B 164 -15.28 -18.12 11.85
CA ALA B 164 -14.82 -18.96 12.95
C ALA B 164 -13.43 -19.53 12.70
N HIS B 165 -12.99 -19.57 11.44
CA HIS B 165 -11.72 -20.16 11.04
C HIS B 165 -10.71 -19.10 10.61
N SER B 166 -10.80 -17.91 11.17
CA SER B 166 -10.02 -16.76 10.74
C SER B 166 -8.88 -16.47 11.72
N LEU B 167 -7.86 -15.81 11.20
CA LEU B 167 -6.79 -15.24 12.01
C LEU B 167 -7.10 -13.77 12.30
N ASN B 168 -7.45 -13.47 13.55
N ASN B 168 -7.39 -13.49 13.56
CA ASN B 168 -7.87 -12.12 13.93
CA ASN B 168 -7.82 -12.18 14.04
C ASN B 168 -6.65 -11.27 14.34
C ASN B 168 -6.62 -11.29 14.38
N TYR B 169 -5.76 -11.09 13.38
CA TYR B 169 -4.67 -10.16 13.54
C TYR B 169 -5.22 -8.73 13.55
N THR B 170 -4.47 -7.84 14.18
CA THR B 170 -4.85 -6.44 14.24
C THR B 170 -4.74 -5.83 12.85
N VAL B 171 -5.81 -5.21 12.39
CA VAL B 171 -5.85 -4.69 11.02
C VAL B 171 -5.01 -3.42 10.95
N ILE B 172 -4.08 -3.40 9.99
CA ILE B 172 -3.20 -2.27 9.74
C ILE B 172 -3.45 -1.86 8.29
N ASN B 173 -3.81 -0.60 8.07
CA ASN B 173 -4.09 -0.17 6.69
C ASN B 173 -3.61 1.27 6.56
N PHE B 174 -2.56 1.50 5.77
CA PHE B 174 -1.90 2.81 5.74
C PHE B 174 -2.73 3.90 5.06
N LYS B 175 -3.72 3.53 4.28
CA LYS B 175 -4.62 4.52 3.64
C LYS B 175 -6.00 4.28 4.22
N SER B 176 -6.17 4.67 5.48
CA SER B 176 -7.40 4.44 6.20
C SER B 176 -7.59 5.59 7.17
N ARG B 177 -8.84 5.86 7.53
CA ARG B 177 -9.06 6.94 8.47
C ARG B 177 -8.37 6.68 9.80
N GLU B 178 -8.27 5.40 10.21
CA GLU B 178 -7.57 5.13 11.46
C GLU B 178 -6.13 5.58 11.38
N ALA B 179 -5.53 5.53 10.20
CA ALA B 179 -4.11 5.83 10.05
C ALA B 179 -3.82 7.30 9.81
N ILE B 180 -4.83 8.09 9.43
CA ILE B 180 -4.63 9.43 8.90
C ILE B 180 -5.54 10.39 9.64
N ARG B 181 -4.95 11.31 10.39
CA ARG B 181 -5.70 12.34 11.09
C ARG B 181 -6.23 13.37 10.10
N PRO B 182 -7.50 13.73 10.15
CA PRO B 182 -8.00 14.85 9.34
C PRO B 182 -7.11 16.06 9.51
N GLY B 183 -6.70 16.65 8.37
CA GLY B 183 -5.81 17.79 8.40
C GLY B 183 -4.35 17.48 8.56
N HIS B 184 -3.97 16.22 8.80
CA HIS B 184 -2.57 15.85 8.81
C HIS B 184 -2.29 14.81 7.73
N GLU B 185 -3.09 14.81 6.66
CA GLU B 185 -2.96 13.82 5.61
C GLU B 185 -1.53 13.57 5.17
N MET B 186 -0.86 14.59 4.64
CA MET B 186 0.51 14.37 4.17
C MET B 186 1.40 13.97 5.32
N GLU B 187 1.26 14.67 6.44
CA GLU B 187 2.16 14.42 7.56
C GLU B 187 2.06 12.99 8.02
N ASP B 188 0.83 12.50 8.23
CA ASP B 188 0.64 11.16 8.77
C ASP B 188 0.95 10.06 7.75
N PHE B 189 0.82 10.36 6.46
CA PHE B 189 1.07 9.31 5.47
C PHE B 189 2.55 9.13 5.24
N LEU B 190 3.31 10.22 5.29
CA LEU B 190 4.74 10.14 5.06
C LEU B 190 5.53 9.81 6.33
N ASP B 191 4.96 10.08 7.51
CA ASP B 191 5.58 9.77 8.81
C ASP B 191 4.48 9.14 9.67
N LYS B 192 4.53 7.81 9.82
CA LYS B 192 3.44 7.08 10.46
C LYS B 192 3.54 7.06 11.97
N SER B 193 4.34 7.93 12.57
CA SER B 193 4.57 7.87 14.02
C SER B 193 3.29 7.97 14.82
N TYR B 194 2.33 8.81 14.40
N TYR B 194 2.37 8.86 14.41
N TYR B 194 2.35 8.84 14.42
CA TYR B 194 1.11 8.93 15.21
CA TYR B 194 1.07 8.98 15.06
CA TYR B 194 1.09 8.95 15.15
C TYR B 194 0.29 7.65 15.14
C TYR B 194 0.37 7.64 15.13
C TYR B 194 0.36 7.62 15.15
N TYR B 195 0.27 6.99 13.98
CA TYR B 195 -0.42 5.71 13.86
C TYR B 195 0.30 4.63 14.68
N LEU B 196 1.63 4.61 14.65
CA LEU B 196 2.38 3.63 15.43
C LEU B 196 2.19 3.85 16.93
N ASN B 197 2.53 5.06 17.40
CA ASN B 197 2.67 5.31 18.83
C ASN B 197 1.33 5.57 19.52
N THR B 198 0.44 6.33 18.88
CA THR B 198 -0.82 6.68 19.53
C THR B 198 -1.91 5.67 19.24
N VAL B 199 -2.20 5.41 17.96
CA VAL B 199 -3.26 4.50 17.60
C VAL B 199 -2.91 3.08 18.03
N MET B 200 -1.75 2.59 17.61
CA MET B 200 -1.46 1.16 17.76
C MET B 200 -0.84 0.83 19.11
N LEU B 201 0.26 1.49 19.48
CA LEU B 201 0.95 1.12 20.71
C LEU B 201 0.13 1.53 21.94
N GLN B 202 -0.17 2.82 22.06
N GLN B 202 -0.17 2.82 22.06
CA GLN B 202 -0.94 3.28 23.22
CA GLN B 202 -0.94 3.28 23.22
C GLN B 202 -2.36 2.74 23.18
C GLN B 202 -2.38 2.76 23.19
N GLY B 203 -3.02 2.82 22.03
CA GLY B 203 -4.44 2.50 21.96
C GLY B 203 -4.78 1.02 21.95
N ILE B 204 -4.20 0.27 21.01
CA ILE B 204 -4.68 -1.08 20.72
C ILE B 204 -3.83 -2.12 21.42
N PHE B 205 -2.52 -2.04 21.27
CA PHE B 205 -1.63 -3.06 21.82
C PHE B 205 -1.27 -2.80 23.28
N LYS B 206 -1.34 -1.53 23.70
CA LYS B 206 -1.05 -1.10 25.06
C LYS B 206 0.45 -0.97 25.34
N ASN B 207 1.30 -1.83 24.74
CA ASN B 207 2.75 -1.73 24.93
C ASN B 207 3.46 -2.41 23.74
N SER B 208 4.75 -2.14 23.64
CA SER B 208 5.54 -2.69 22.53
C SER B 208 5.68 -4.21 22.62
N SER B 209 5.62 -4.76 23.83
CA SER B 209 5.74 -6.22 23.98
C SER B 209 4.61 -6.94 23.25
N ASN B 210 3.36 -6.48 23.42
CA ASN B 210 2.26 -7.14 22.72
C ASN B 210 2.36 -6.94 21.21
N TYR B 211 2.88 -5.80 20.78
CA TYR B 211 3.07 -5.55 19.34
C TYR B 211 4.10 -6.52 18.77
N PHE B 212 5.25 -6.63 19.43
CA PHE B 212 6.25 -7.61 18.98
C PHE B 212 5.74 -9.03 19.04
N GLY B 213 4.91 -9.36 20.04
CA GLY B 213 4.39 -10.71 20.14
C GLY B 213 3.58 -11.07 18.91
N GLU B 214 2.70 -10.16 18.48
CA GLU B 214 1.90 -10.45 17.30
C GLU B 214 2.77 -10.48 16.05
N LEU B 215 3.73 -9.55 15.93
CA LEU B 215 4.69 -9.61 14.84
C LEU B 215 5.41 -10.95 14.78
N GLN B 216 5.89 -11.46 15.93
CA GLN B 216 6.61 -12.71 15.94
C GLN B 216 5.73 -13.89 15.60
N PHE B 217 4.48 -13.87 16.08
CA PHE B 217 3.54 -14.95 15.80
C PHE B 217 3.15 -14.97 14.32
N ALA B 218 2.95 -13.79 13.74
CA ALA B 218 2.68 -13.69 12.31
C ALA B 218 3.84 -14.29 11.51
N PHE B 219 5.08 -13.91 11.81
CA PHE B 219 6.20 -14.53 11.11
C PHE B 219 6.19 -16.04 11.23
N LEU B 220 5.98 -16.57 12.43
CA LEU B 220 6.10 -18.00 12.63
C LEU B 220 5.02 -18.76 11.85
N ASN B 221 3.81 -18.19 11.78
CA ASN B 221 2.76 -18.84 11.00
CA ASN B 221 2.75 -18.82 10.99
C ASN B 221 3.08 -18.76 9.51
N ALA B 222 3.68 -17.65 9.07
CA ALA B 222 4.12 -17.55 7.68
C ALA B 222 5.16 -18.64 7.38
N MET B 223 6.16 -18.78 8.26
CA MET B 223 7.25 -19.71 8.01
C MET B 223 6.80 -21.16 8.11
N PHE B 224 6.09 -21.51 9.17
CA PHE B 224 5.81 -22.91 9.40
C PHE B 224 4.64 -23.43 8.59
N PHE B 225 3.71 -22.57 8.20
CA PHE B 225 2.52 -23.05 7.48
C PHE B 225 2.43 -22.46 6.08
N GLY B 226 3.32 -21.55 5.71
CA GLY B 226 3.13 -20.86 4.44
C GLY B 226 1.83 -20.07 4.40
N ASN B 227 1.44 -19.52 5.54
CA ASN B 227 0.20 -18.78 5.63
C ASN B 227 0.43 -17.38 5.05
N TYR B 228 -0.19 -17.10 3.89
CA TYR B 228 0.09 -15.87 3.18
C TYR B 228 -0.38 -14.63 3.93
N GLY B 229 -1.56 -14.68 4.55
CA GLY B 229 -2.05 -13.52 5.29
C GLY B 229 -1.20 -13.21 6.50
N SER B 230 -0.59 -14.23 7.07
CA SER B 230 0.37 -14.00 8.18
C SER B 230 1.62 -13.30 7.68
N SER B 231 2.13 -13.69 6.51
CA SER B 231 3.25 -12.97 5.92
C SER B 231 2.90 -11.52 5.66
N LEU B 232 1.70 -11.24 5.15
CA LEU B 232 1.27 -9.86 4.94
C LEU B 232 1.30 -9.07 6.26
N GLN B 233 0.84 -9.71 7.33
CA GLN B 233 0.76 -9.05 8.61
C GLN B 233 2.15 -8.76 9.14
N TRP B 234 3.05 -9.75 9.09
CA TRP B 234 4.43 -9.54 9.52
C TRP B 234 5.04 -8.33 8.81
N HIS B 235 4.94 -8.29 7.47
CA HIS B 235 5.57 -7.17 6.76
C HIS B 235 4.90 -5.85 7.09
N ALA B 236 3.59 -5.84 7.31
CA ALA B 236 2.91 -4.58 7.63
C ALA B 236 3.39 -4.03 8.97
N MET B 237 3.59 -4.93 9.94
CA MET B 237 4.02 -4.47 11.25
C MET B 237 5.47 -3.99 11.25
N ILE B 238 6.30 -4.55 10.39
CA ILE B 238 7.64 -4.05 10.18
C ILE B 238 7.58 -2.68 9.52
N GLU B 239 6.83 -2.61 8.42
CA GLU B 239 6.79 -1.36 7.68
C GLU B 239 6.21 -0.22 8.52
N LEU B 240 5.22 -0.50 9.38
CA LEU B 240 4.71 0.58 10.22
C LEU B 240 5.78 1.15 11.16
N ILE B 241 6.68 0.31 11.68
CA ILE B 241 7.77 0.84 12.50
C ILE B 241 8.78 1.61 11.66
N CYS B 242 9.21 1.03 10.54
CA CYS B 242 10.29 1.64 9.77
C CYS B 242 9.86 2.97 9.16
N SER B 243 8.57 3.13 8.87
CA SER B 243 8.00 4.33 8.30
C SER B 243 7.60 5.38 9.31
N SER B 244 8.00 5.21 10.56
CA SER B 244 7.77 6.18 11.62
C SER B 244 9.10 6.85 11.92
N ALA B 245 9.09 8.19 11.91
CA ALA B 245 10.29 8.95 12.23
C ALA B 245 10.59 8.91 13.72
N THR B 246 9.59 8.65 14.55
CA THR B 246 9.74 8.77 16.00
C THR B 246 9.37 7.42 16.62
N VAL B 247 10.39 6.66 16.97
CA VAL B 247 10.20 5.35 17.58
C VAL B 247 11.08 5.30 18.82
N PRO B 248 10.60 4.82 19.95
CA PRO B 248 11.47 4.65 21.12
C PRO B 248 12.73 3.86 20.80
N LYS B 249 13.85 4.32 21.36
CA LYS B 249 15.14 3.71 21.05
C LYS B 249 15.15 2.22 21.39
N HIS B 250 14.46 1.84 22.46
CA HIS B 250 14.48 0.45 22.91
C HIS B 250 13.70 -0.46 21.96
N MET B 251 12.64 0.08 21.35
CA MET B 251 11.90 -0.69 20.36
C MET B 251 12.74 -0.94 19.11
N LEU B 252 13.49 0.06 18.65
CA LEU B 252 14.31 -0.13 17.45
C LEU B 252 15.39 -1.16 17.70
N ASP B 253 16.04 -1.06 18.86
CA ASP B 253 17.07 -2.03 19.15
C ASP B 253 16.49 -3.43 19.24
N LYS B 254 15.29 -3.57 19.82
CA LYS B 254 14.71 -4.88 19.94
C LYS B 254 14.22 -5.37 18.59
N LEU B 255 13.61 -4.49 17.79
CA LEU B 255 13.20 -4.91 16.44
C LEU B 255 14.38 -5.48 15.66
N ASP B 256 15.54 -4.83 15.73
CA ASP B 256 16.70 -5.35 15.00
C ASP B 256 17.04 -6.76 15.41
N GLU B 257 16.95 -7.06 16.72
CA GLU B 257 17.23 -8.40 17.19
C GLU B 257 16.15 -9.37 16.73
N ILE B 258 14.90 -8.92 16.76
CA ILE B 258 13.82 -9.80 16.37
C ILE B 258 13.99 -10.24 14.92
N LEU B 259 14.22 -9.29 14.05
CA LEU B 259 14.24 -9.58 12.62
C LEU B 259 15.50 -10.34 12.27
N TYR B 260 16.60 -10.03 12.95
CA TYR B 260 17.83 -10.79 12.75
C TYR B 260 17.57 -12.29 12.90
N TYR B 261 16.96 -12.70 14.02
CA TYR B 261 16.74 -14.12 14.23
C TYR B 261 15.69 -14.70 13.29
N GLN B 262 14.74 -13.89 12.84
CA GLN B 262 13.76 -14.37 11.86
C GLN B 262 14.44 -14.63 10.53
N ILE B 263 15.26 -13.68 10.09
CA ILE B 263 15.99 -13.87 8.83
C ILE B 263 16.99 -15.02 8.97
N LYS B 264 17.63 -15.13 10.14
CA LYS B 264 18.60 -16.22 10.31
C LYS B 264 17.92 -17.58 10.19
N THR B 265 16.69 -17.70 10.67
CA THR B 265 16.01 -18.98 10.76
C THR B 265 15.29 -19.36 9.48
N LEU B 266 14.93 -18.37 8.66
CA LEU B 266 14.19 -18.65 7.43
C LEU B 266 14.94 -19.63 6.54
N PRO B 267 14.32 -20.73 6.12
CA PRO B 267 14.94 -21.59 5.10
C PRO B 267 15.34 -20.77 3.88
N GLU B 268 16.59 -20.95 3.44
CA GLU B 268 17.10 -20.18 2.31
C GLU B 268 16.22 -20.35 1.07
N GLN B 269 15.70 -21.54 0.86
CA GLN B 269 14.97 -21.84 -0.36
C GLN B 269 13.53 -21.31 -0.34
N TYR B 270 13.08 -20.72 0.76
CA TYR B 270 11.75 -20.15 0.87
C TYR B 270 11.75 -18.62 0.82
N SER B 271 12.94 -18.01 0.71
CA SER B 271 13.01 -16.55 0.77
C SER B 271 12.22 -15.91 -0.34
N ASP B 272 12.24 -16.50 -1.53
CA ASP B 272 11.63 -15.88 -2.71
C ASP B 272 10.14 -15.56 -2.50
N ILE B 273 9.44 -16.35 -1.70
CA ILE B 273 7.99 -16.17 -1.53
C ILE B 273 7.68 -15.50 -0.20
N LEU B 274 8.54 -15.73 0.81
CA LEU B 274 8.28 -15.21 2.15
C LEU B 274 8.84 -13.81 2.40
N LEU B 275 9.63 -13.24 1.50
CA LEU B 275 10.21 -11.93 1.71
C LEU B 275 9.71 -10.99 0.63
N ASN B 276 9.10 -9.89 1.05
CA ASN B 276 8.56 -8.88 0.14
C ASN B 276 9.66 -7.87 -0.17
N GLU B 277 10.13 -7.88 -1.42
CA GLU B 277 11.21 -7.01 -1.86
C GLU B 277 10.96 -5.54 -1.50
N ARG B 278 9.73 -5.06 -1.74
CA ARG B 278 9.50 -3.63 -1.58
C ARG B 278 9.62 -3.22 -0.12
N VAL B 279 9.05 -4.01 0.79
CA VAL B 279 9.11 -3.66 2.20
C VAL B 279 10.55 -3.65 2.68
N TRP B 280 11.32 -4.67 2.32
CA TRP B 280 12.66 -4.80 2.89
C TRP B 280 13.59 -3.73 2.33
N ASN B 281 13.53 -3.49 1.02
CA ASN B 281 14.34 -2.42 0.45
C ASN B 281 13.95 -1.06 1.02
N ILE B 282 12.64 -0.81 1.19
CA ILE B 282 12.21 0.44 1.80
C ILE B 282 12.70 0.53 3.24
N CYS B 283 12.54 -0.55 4.01
CA CYS B 283 12.88 -0.49 5.43
C CYS B 283 14.38 -0.30 5.63
N LEU B 284 15.21 -1.01 4.87
CA LEU B 284 16.64 -1.01 5.10
C LEU B 284 17.37 0.13 4.42
N TYR B 285 16.79 0.72 3.38
CA TYR B 285 17.51 1.67 2.53
C TYR B 285 16.82 3.01 2.32
N SER B 286 15.49 3.11 2.46
CA SER B 286 14.79 4.37 2.25
C SER B 286 14.16 4.95 3.51
N SER B 287 13.74 4.12 4.45
CA SER B 287 12.86 4.57 5.50
C SER B 287 13.61 5.37 6.54
N PHE B 288 12.84 5.93 7.48
CA PHE B 288 13.42 6.69 8.56
C PHE B 288 14.42 5.86 9.34
N GLN B 289 14.16 4.57 9.46
CA GLN B 289 14.96 3.66 10.27
C GLN B 289 15.97 2.89 9.43
N LYS B 290 16.29 3.40 8.23
CA LYS B 290 17.27 2.79 7.34
C LYS B 290 18.64 2.56 8.02
N ASN B 291 18.92 3.28 9.10
CA ASN B 291 20.22 3.20 9.77
C ASN B 291 20.11 2.66 11.17
N SER B 292 18.96 2.12 11.55
CA SER B 292 18.72 1.66 12.90
C SER B 292 18.63 0.14 13.02
N LEU B 293 18.89 -0.60 11.93
CA LEU B 293 18.70 -2.05 11.91
C LEU B 293 20.00 -2.72 11.45
N HIS B 294 21.08 -2.43 12.17
CA HIS B 294 22.41 -2.87 11.70
C HIS B 294 22.52 -4.39 11.60
N ASN B 295 22.08 -5.11 12.63
CA ASN B 295 22.22 -6.56 12.59
C ASN B 295 21.37 -7.16 11.48
N THR B 296 20.14 -6.67 11.36
CA THR B 296 19.25 -7.18 10.33
C THR B 296 19.78 -6.85 8.94
N GLU B 297 20.28 -5.63 8.73
CA GLU B 297 20.81 -5.26 7.41
C GLU B 297 22.03 -6.09 7.05
N LYS B 298 22.89 -6.39 8.02
CA LYS B 298 24.08 -7.18 7.71
C LYS B 298 23.73 -8.62 7.35
N ILE B 299 22.78 -9.26 8.06
CA ILE B 299 22.46 -10.64 7.70
C ILE B 299 21.71 -10.69 6.38
N MET B 300 20.80 -9.75 6.15
CA MET B 300 20.10 -9.70 4.86
C MET B 300 21.07 -9.54 3.70
N GLU B 301 22.03 -8.63 3.82
CA GLU B 301 23.01 -8.41 2.75
C GLU B 301 23.92 -9.62 2.52
N ASN B 302 24.26 -10.38 3.55
CA ASN B 302 25.13 -11.54 3.33
C ASN B 302 24.36 -12.79 2.94
N LYS B 303 23.06 -12.86 3.25
CA LYS B 303 22.29 -14.08 3.00
C LYS B 303 21.33 -13.96 1.83
N TYR B 304 20.77 -12.77 1.57
CA TYR B 304 19.79 -12.59 0.49
C TYR B 304 20.09 -11.32 -0.29
N PRO B 305 21.31 -11.17 -0.82
CA PRO B 305 21.64 -9.95 -1.56
C PRO B 305 20.91 -9.83 -2.89
N GLU B 306 20.33 -10.92 -3.40
CA GLU B 306 19.57 -10.85 -4.64
C GLU B 306 18.31 -10.03 -4.45
N LEU B 307 17.61 -10.26 -3.34
CA LEU B 307 16.39 -9.53 -3.04
C LEU B 307 16.60 -8.02 -3.11
N LEU B 308 17.80 -7.54 -2.82
CA LEU B 308 18.02 -6.09 -2.68
C LEU B 308 18.75 -5.48 -3.89
C7 W6R C . -17.94 25.84 -13.17
C8 W6R C . -17.06 26.10 -14.14
C1 W6R C . -18.43 31.36 -16.30
C5 W6R C . -19.32 26.77 -14.76
C6 W6R C . -19.27 26.23 -13.53
C4 W6R C . -20.50 27.33 -15.45
C3 W6R C . -19.98 29.45 -16.66
C2 W6R C . -19.89 30.96 -16.56
O W6R C . -19.75 28.84 -17.69
C W6R C . -18.04 30.98 -14.89
N W6R C . -20.36 28.78 -15.51
S W6R C . -17.79 26.82 -15.49
#